data_8C3C
#
_entry.id   8C3C
#
_cell.length_a   82.847
_cell.length_b   111.544
_cell.length_c   62.544
_cell.angle_alpha   90.000
_cell.angle_beta   90.000
_cell.angle_gamma   90.000
#
_symmetry.space_group_name_H-M   'C 2 2 21'
#
loop_
_entity.id
_entity.type
_entity.pdbx_description
1 polymer '14-3-3 protein sigma'
2 polymer 'Peptidyl-prolyl cis-trans isomerase NIMA-interacting 1'
3 non-polymer FUSICOCCIN
4 non-polymer 'MAGNESIUM ION'
5 water water
#
loop_
_entity_poly.entity_id
_entity_poly.type
_entity_poly.pdbx_seq_one_letter_code
_entity_poly.pdbx_strand_id
1 'polypeptide(L)'
;GAMGSMERASLIQKAKLAEQAERYEDMAAFMKGAVEKGEELS(CSO)EERNLLSVAYKNVVGGQRAAWRVLSSIEQKSNE
EGSEEKGPEVREYREKVETELQGVCDTVLGLLDSHLIKEAGDAESRVFYLKMKGDYYRYLAEVATGDDKKRIIDSARSAY
QEAMDISKKEMPPTNPIRLGLALNFSVFHYEIANSPEEAISLAKTTFDEAMADLHTLSEDSYKDSTLIMQLLRDNLTLWT
;
A
2 'polypeptide(L)' LVKHSQSRRPS(SEP)WRQEK B
#
# COMPACT_ATOMS: atom_id res chain seq x y z
N GLY A 1 -8.60 -17.65 14.15
CA GLY A 1 -9.12 -16.42 14.84
C GLY A 1 -10.62 -16.48 15.01
N ALA A 2 -11.24 -15.30 15.18
CA ALA A 2 -12.67 -15.17 15.40
C ALA A 2 -13.45 -15.59 14.17
N MET A 3 -12.78 -15.64 13.01
CA MET A 3 -13.40 -16.11 11.77
C MET A 3 -13.20 -17.59 11.49
N GLY A 4 -12.56 -18.30 12.42
CA GLY A 4 -12.23 -19.70 12.25
C GLY A 4 -13.40 -20.60 11.93
N SER A 5 -14.59 -20.25 12.43
CA SER A 5 -15.74 -21.11 12.27
C SER A 5 -16.52 -20.83 10.99
N MET A 6 -16.17 -19.76 10.26
CA MET A 6 -16.88 -19.40 9.04
C MET A 6 -16.22 -19.98 7.82
N GLU A 7 -17.05 -20.50 6.90
CA GLU A 7 -16.57 -21.04 5.60
C GLU A 7 -15.78 -19.97 4.86
N ARG A 8 -14.73 -20.42 4.18
CA ARG A 8 -13.93 -19.50 3.33
C ARG A 8 -14.84 -18.77 2.33
N ALA A 9 -15.73 -19.49 1.65
CA ALA A 9 -16.55 -18.87 0.62
C ALA A 9 -17.47 -17.79 1.25
N SER A 10 -17.95 -18.05 2.49
CA SER A 10 -18.81 -17.12 3.21
C SER A 10 -18.02 -15.85 3.59
N LEU A 11 -16.78 -16.02 4.02
CA LEU A 11 -15.94 -14.87 4.33
C LEU A 11 -15.72 -13.98 3.09
N ILE A 12 -15.49 -14.58 1.94
CA ILE A 12 -15.28 -13.81 0.73
C ILE A 12 -16.57 -13.09 0.34
N GLN A 13 -17.67 -13.80 0.46
CA GLN A 13 -18.95 -13.20 0.16
C GLN A 13 -19.23 -12.00 1.07
N LYS A 14 -18.95 -12.16 2.35
CA LYS A 14 -19.19 -11.08 3.28
C LYS A 14 -18.21 -9.93 3.06
N ALA A 15 -16.98 -10.24 2.64
CA ALA A 15 -16.00 -9.17 2.31
C ALA A 15 -16.59 -8.29 1.20
N LYS A 16 -17.20 -8.92 0.20
CA LYS A 16 -17.80 -8.18 -0.91
C LYS A 16 -19.01 -7.35 -0.43
N LEU A 17 -19.82 -7.90 0.46
CA LEU A 17 -20.94 -7.16 1.06
C LEU A 17 -20.42 -5.96 1.87
N ALA A 18 -19.37 -6.19 2.64
CA ALA A 18 -18.77 -5.13 3.44
C ALA A 18 -18.24 -4.03 2.53
N GLU A 19 -17.62 -4.38 1.41
N GLU A 19 -17.63 -4.41 1.39
CA GLU A 19 -17.16 -3.36 0.50
CA GLU A 19 -17.14 -3.45 0.39
C GLU A 19 -18.35 -2.51 0.03
C GLU A 19 -18.29 -2.55 -0.11
N GLN A 20 -19.45 -3.17 -0.37
CA GLN A 20 -20.61 -2.44 -0.91
C GLN A 20 -21.17 -1.49 0.13
N ALA A 21 -21.10 -1.89 1.40
CA ALA A 21 -21.56 -1.10 2.52
C ALA A 21 -20.51 -0.10 3.06
N GLU A 22 -19.33 -0.04 2.44
CA GLU A 22 -18.22 0.79 2.89
C GLU A 22 -17.84 0.53 4.37
N ARG A 23 -17.94 -0.74 4.76
CA ARG A 23 -17.56 -1.24 6.10
C ARG A 23 -16.18 -1.87 6.00
N TYR A 24 -15.14 -1.06 5.87
CA TYR A 24 -13.78 -1.56 5.51
C TYR A 24 -13.14 -2.30 6.68
N GLU A 25 -13.42 -1.93 7.93
CA GLU A 25 -12.89 -2.68 9.05
C GLU A 25 -13.43 -4.12 8.99
N ASP A 26 -14.75 -4.26 8.76
CA ASP A 26 -15.30 -5.60 8.63
C ASP A 26 -14.71 -6.34 7.43
N MET A 27 -14.59 -5.62 6.32
CA MET A 27 -14.09 -6.19 5.09
C MET A 27 -12.71 -6.78 5.36
N ALA A 28 -11.85 -6.02 6.05
CA ALA A 28 -10.50 -6.46 6.38
C ALA A 28 -10.50 -7.69 7.27
N ALA A 29 -11.38 -7.69 8.27
CA ALA A 29 -11.47 -8.85 9.16
C ALA A 29 -11.92 -10.10 8.42
N PHE A 30 -12.89 -9.96 7.51
CA PHE A 30 -13.34 -11.09 6.70
C PHE A 30 -12.17 -11.59 5.85
N MET A 31 -11.45 -10.67 5.19
CA MET A 31 -10.35 -11.12 4.36
C MET A 31 -9.18 -11.73 5.14
N LYS A 32 -8.88 -11.18 6.31
CA LYS A 32 -7.90 -11.81 7.21
C LYS A 32 -8.33 -13.27 7.53
N GLY A 33 -9.61 -13.45 7.85
CA GLY A 33 -10.14 -14.77 8.08
C GLY A 33 -9.94 -15.66 6.89
N ALA A 34 -10.23 -15.14 5.70
CA ALA A 34 -10.04 -15.94 4.49
C ALA A 34 -8.57 -16.34 4.28
N VAL A 35 -7.66 -15.38 4.46
CA VAL A 35 -6.23 -15.70 4.32
C VAL A 35 -5.83 -16.83 5.30
N GLU A 36 -6.34 -16.74 6.52
CA GLU A 36 -5.98 -17.68 7.57
C GLU A 36 -6.54 -19.08 7.34
N LYS A 37 -7.37 -19.28 6.32
CA LYS A 37 -7.75 -20.60 5.90
C LYS A 37 -6.61 -21.39 5.29
N GLY A 38 -5.58 -20.67 4.82
CA GLY A 38 -4.36 -21.32 4.38
C GLY A 38 -4.27 -21.56 2.90
N GLU A 39 -5.34 -21.29 2.14
CA GLU A 39 -5.33 -21.47 0.71
C GLU A 39 -4.81 -20.19 0.04
N GLU A 40 -4.19 -20.35 -1.13
CA GLU A 40 -3.79 -19.19 -1.92
C GLU A 40 -5.05 -18.37 -2.28
N LEU A 41 -4.84 -17.07 -2.52
CA LEU A 41 -5.89 -16.15 -2.95
C LEU A 41 -5.88 -15.99 -4.45
N SER A 42 -7.08 -15.85 -4.98
CA SER A 42 -7.21 -15.55 -6.38
C SER A 42 -6.93 -14.08 -6.62
N GLU A 44 -8.99 -11.78 -7.72
CA GLU A 44 -10.07 -10.99 -7.17
C GLU A 44 -9.95 -10.89 -5.66
N GLU A 45 -9.59 -12.00 -5.07
CA GLU A 45 -9.47 -12.05 -3.61
C GLU A 45 -8.30 -11.18 -3.11
N ARG A 46 -7.21 -11.20 -3.85
CA ARG A 46 -6.09 -10.38 -3.47
C ARG A 46 -6.52 -8.90 -3.51
N ASN A 47 -7.29 -8.57 -4.52
CA ASN A 47 -7.73 -7.19 -4.60
C ASN A 47 -8.65 -6.83 -3.43
N LEU A 48 -9.49 -7.77 -3.01
CA LEU A 48 -10.34 -7.49 -1.88
C LEU A 48 -9.51 -7.26 -0.62
N LEU A 49 -8.49 -8.06 -0.44
CA LEU A 49 -7.61 -7.88 0.70
C LEU A 49 -6.95 -6.54 0.69
N SER A 50 -6.40 -6.15 -0.46
N SER A 50 -6.40 -6.15 -0.46
CA SER A 50 -5.70 -4.87 -0.57
CA SER A 50 -5.71 -4.87 -0.57
C SER A 50 -6.63 -3.68 -0.33
C SER A 50 -6.63 -3.68 -0.33
N VAL A 51 -7.79 -3.70 -0.96
CA VAL A 51 -8.72 -2.61 -0.81
C VAL A 51 -9.15 -2.45 0.66
N ALA A 52 -9.44 -3.56 1.31
CA ALA A 52 -9.91 -3.51 2.68
C ALA A 52 -8.88 -2.78 3.54
N TYR A 53 -7.65 -3.28 3.54
CA TYR A 53 -6.59 -2.75 4.42
C TYR A 53 -6.17 -1.35 3.96
N LYS A 54 -6.21 -1.07 2.64
CA LYS A 54 -5.82 0.27 2.19
C LYS A 54 -6.77 1.29 2.77
N ASN A 55 -8.06 0.98 2.82
CA ASN A 55 -9.05 1.88 3.34
C ASN A 55 -8.94 2.03 4.84
N VAL A 56 -8.75 0.92 5.55
CA VAL A 56 -8.57 1.01 6.99
C VAL A 56 -7.37 1.87 7.33
N VAL A 57 -6.21 1.53 6.78
N VAL A 57 -6.20 1.51 6.80
CA VAL A 57 -4.99 2.25 7.11
CA VAL A 57 -5.00 2.26 7.16
C VAL A 57 -5.03 3.67 6.58
C VAL A 57 -5.03 3.68 6.58
N GLY A 58 -5.74 3.88 5.46
CA GLY A 58 -5.87 5.21 4.89
C GLY A 58 -6.54 6.17 5.86
N GLY A 59 -7.62 5.69 6.50
CA GLY A 59 -8.30 6.48 7.51
C GLY A 59 -7.39 6.80 8.68
N GLN A 60 -6.60 5.82 9.10
CA GLN A 60 -5.73 5.98 10.27
C GLN A 60 -4.64 6.99 9.93
N ARG A 61 -4.11 6.88 8.71
CA ARG A 61 -3.04 7.82 8.26
C ARG A 61 -3.60 9.25 8.22
N ALA A 62 -4.81 9.44 7.68
CA ALA A 62 -5.38 10.75 7.56
C ALA A 62 -5.56 11.33 8.97
N ALA A 63 -6.03 10.51 9.92
CA ALA A 63 -6.25 11.02 11.30
C ALA A 63 -4.93 11.33 11.98
N TRP A 64 -3.94 10.49 11.77
CA TRP A 64 -2.62 10.72 12.34
C TRP A 64 -2.02 12.01 11.85
N ARG A 65 -2.23 12.32 10.59
N ARG A 65 -2.23 12.32 10.59
CA ARG A 65 -1.68 13.55 10.03
CA ARG A 65 -1.67 13.54 10.03
C ARG A 65 -2.36 14.76 10.63
C ARG A 65 -2.36 14.76 10.62
N VAL A 66 -3.67 14.69 10.81
CA VAL A 66 -4.38 15.79 11.44
C VAL A 66 -3.81 16.01 12.85
N LEU A 67 -3.67 14.93 13.61
CA LEU A 67 -3.19 15.02 14.99
C LEU A 67 -1.73 15.46 15.09
N SER A 68 -0.86 14.86 14.27
N SER A 68 -0.93 15.07 14.10
CA SER A 68 0.57 15.19 14.28
CA SER A 68 0.44 15.54 14.00
C SER A 68 0.80 16.67 14.01
C SER A 68 0.51 17.03 13.66
N SER A 69 -0.03 17.24 13.14
N SER A 69 -0.40 17.48 12.79
CA SER A 69 0.04 18.65 12.79
CA SER A 69 -0.45 18.89 12.43
C SER A 69 -0.41 19.53 13.95
C SER A 69 -0.74 19.73 13.67
N ILE A 70 -1.53 19.16 14.58
CA ILE A 70 -2.00 19.88 15.78
C ILE A 70 -0.88 19.86 16.81
N GLU A 71 -0.23 18.70 16.95
CA GLU A 71 0.85 18.49 17.90
C GLU A 71 2.03 19.41 17.60
N GLN A 72 2.44 19.43 16.33
CA GLN A 72 3.53 20.30 15.89
C GLN A 72 3.25 21.76 16.19
N LYS A 73 2.01 22.21 15.96
CA LYS A 73 1.63 23.59 16.28
C LYS A 73 1.64 23.87 17.79
N SER A 74 1.32 22.83 18.58
CA SER A 74 1.37 22.94 20.05
C SER A 74 2.81 23.12 20.55
N ASN A 75 3.78 22.62 19.79
CA ASN A 75 5.19 22.67 20.16
C ASN A 75 6.00 23.82 19.52
N GLU A 76 5.30 24.83 18.99
CA GLU A 76 5.97 26.01 18.41
C GLU A 76 6.35 27.05 19.47
C SER A 79 1.51 27.84 22.92
N GLU A 80 0.35 28.15 23.50
CA GLU A 80 0.07 27.88 24.92
C GLU A 80 0.09 26.37 25.22
N GLU A 81 0.64 26.02 26.39
CA GLU A 81 0.75 24.64 26.88
C GLU A 81 -0.64 24.03 27.11
N LYS A 82 -0.93 22.91 26.43
CA LYS A 82 -2.24 22.26 26.51
C LYS A 82 -2.21 20.94 27.30
N GLY A 83 -1.02 20.54 27.74
CA GLY A 83 -0.84 19.31 28.48
C GLY A 83 -0.54 18.13 27.55
N PRO A 84 -0.61 16.88 28.06
CA PRO A 84 -0.16 15.72 27.30
C PRO A 84 -1.21 15.18 26.32
N GLU A 85 -2.39 15.77 26.26
CA GLU A 85 -3.51 15.12 25.59
C GLU A 85 -3.31 14.92 24.07
N VAL A 86 -2.76 15.92 23.38
CA VAL A 86 -2.58 15.85 21.94
C VAL A 86 -1.60 14.73 21.64
N ARG A 87 -0.47 14.73 22.35
CA ARG A 87 0.55 13.66 22.19
C ARG A 87 -0.07 12.30 22.52
N GLU A 88 -0.85 12.20 23.61
CA GLU A 88 -1.42 10.93 24.00
C GLU A 88 -2.31 10.40 22.90
N TYR A 89 -3.14 11.26 22.36
CA TYR A 89 -4.16 10.81 21.38
C TYR A 89 -3.49 10.50 20.04
N ARG A 90 -2.51 11.31 19.65
CA ARG A 90 -1.70 10.97 18.45
C ARG A 90 -1.04 9.60 18.65
N GLU A 91 -0.44 9.34 19.81
CA GLU A 91 0.18 8.06 20.11
C GLU A 91 -0.84 6.92 20.01
N LYS A 92 -2.07 7.16 20.46
CA LYS A 92 -3.11 6.13 20.44
C LYS A 92 -3.42 5.73 18.99
N VAL A 93 -3.65 6.73 18.15
CA VAL A 93 -3.93 6.52 16.74
C VAL A 93 -2.73 5.85 16.07
N GLU A 94 -1.51 6.34 16.38
CA GLU A 94 -0.30 5.76 15.85
C GLU A 94 -0.14 4.27 16.17
N THR A 95 -0.42 3.92 17.43
CA THR A 95 -0.28 2.55 17.86
C THR A 95 -1.29 1.67 17.12
N GLU A 96 -2.51 2.19 16.92
N GLU A 96 -2.52 2.18 16.91
CA GLU A 96 -3.55 1.46 16.22
CA GLU A 96 -3.53 1.40 16.21
C GLU A 96 -3.14 1.23 14.76
C GLU A 96 -3.13 1.21 14.74
N LEU A 97 -2.61 2.28 14.13
CA LEU A 97 -2.08 2.20 12.76
C LEU A 97 -0.97 1.16 12.66
N GLN A 98 -0.01 1.23 13.59
CA GLN A 98 1.09 0.26 13.62
C GLN A 98 0.56 -1.16 13.72
N GLY A 99 -0.50 -1.32 14.52
CA GLY A 99 -1.09 -2.62 14.70
C GLY A 99 -1.63 -3.21 13.41
N VAL A 100 -2.33 -2.38 12.64
CA VAL A 100 -2.92 -2.81 11.39
C VAL A 100 -1.78 -3.15 10.43
N CYS A 101 -0.78 -2.28 10.34
CA CYS A 101 0.34 -2.60 9.46
C CYS A 101 1.02 -3.93 9.84
N ASP A 102 1.23 -4.17 11.13
CA ASP A 102 1.85 -5.39 11.60
C ASP A 102 0.98 -6.62 11.24
N THR A 103 -0.34 -6.45 11.32
CA THR A 103 -1.28 -7.52 10.98
C THR A 103 -1.13 -7.89 9.50
N VAL A 104 -1.09 -6.86 8.66
CA VAL A 104 -0.99 -7.10 7.21
C VAL A 104 0.35 -7.75 6.93
N LEU A 105 1.43 -7.17 7.47
CA LEU A 105 2.75 -7.77 7.25
C LEU A 105 2.82 -9.22 7.71
N GLY A 106 2.12 -9.52 8.81
CA GLY A 106 2.05 -10.87 9.34
C GLY A 106 1.37 -11.83 8.39
N LEU A 107 0.30 -11.38 7.74
CA LEU A 107 -0.39 -12.21 6.76
C LEU A 107 0.50 -12.45 5.57
N LEU A 108 1.20 -11.41 5.13
CA LEU A 108 2.10 -11.57 4.00
C LEU A 108 3.19 -12.58 4.34
N ASP A 109 3.66 -12.56 5.58
CA ASP A 109 4.74 -13.46 6.03
C ASP A 109 4.29 -14.87 6.43
N SER A 110 3.01 -15.01 6.71
CA SER A 110 2.45 -16.27 7.14
C SER A 110 1.08 -16.58 6.48
N HIS A 111 1.07 -16.93 5.20
CA HIS A 111 2.21 -17.40 4.41
C HIS A 111 2.00 -17.04 2.94
N LEU A 112 1.38 -15.90 2.68
CA LEU A 112 1.09 -15.45 1.32
C LEU A 112 2.31 -15.33 0.38
N ILE A 113 3.36 -14.68 0.85
CA ILE A 113 4.50 -14.47 -0.02
C ILE A 113 5.18 -15.80 -0.34
N LYS A 114 5.39 -16.63 0.67
CA LYS A 114 6.11 -17.87 0.42
C LYS A 114 5.40 -18.82 -0.53
N GLU A 115 4.06 -18.80 -0.56
CA GLU A 115 3.32 -19.69 -1.48
C GLU A 115 3.06 -19.06 -2.83
N ALA A 116 3.42 -17.78 -3.02
CA ALA A 116 3.14 -17.05 -4.28
C ALA A 116 4.23 -17.29 -5.31
N GLY A 117 3.89 -18.07 -6.34
CA GLY A 117 4.81 -18.42 -7.40
C GLY A 117 4.66 -17.63 -8.69
N ASP A 118 3.42 -17.31 -9.07
CA ASP A 118 3.19 -16.56 -10.28
C ASP A 118 3.56 -15.10 -10.09
N ALA A 119 4.05 -14.46 -11.16
CA ALA A 119 4.49 -13.07 -11.09
C ALA A 119 3.40 -12.15 -10.54
N GLU A 120 2.18 -12.33 -11.02
CA GLU A 120 1.06 -11.45 -10.66
C GLU A 120 0.84 -11.46 -9.15
N SER A 121 0.91 -12.65 -8.54
N SER A 121 0.92 -12.65 -8.55
CA SER A 121 0.72 -12.73 -7.09
CA SER A 121 0.73 -12.81 -7.12
C SER A 121 1.96 -12.28 -6.31
C SER A 121 1.93 -12.31 -6.31
N ARG A 122 3.13 -12.73 -6.73
CA ARG A 122 4.38 -12.41 -6.01
C ARG A 122 4.63 -10.89 -6.02
N VAL A 123 4.48 -10.23 -7.16
CA VAL A 123 4.68 -8.78 -7.25
C VAL A 123 3.64 -8.09 -6.37
N PHE A 124 2.38 -8.55 -6.47
CA PHE A 124 1.28 -7.93 -5.71
C PHE A 124 1.62 -7.94 -4.22
N TYR A 125 2.01 -9.10 -3.70
CA TYR A 125 2.26 -9.23 -2.24
C TYR A 125 3.50 -8.45 -1.84
N LEU A 126 4.54 -8.41 -2.68
CA LEU A 126 5.75 -7.67 -2.31
C LEU A 126 5.49 -6.17 -2.34
N LYS A 127 4.68 -5.72 -3.27
CA LYS A 127 4.30 -4.32 -3.27
C LYS A 127 3.56 -4.00 -1.97
N MET A 128 2.65 -4.87 -1.57
CA MET A 128 1.93 -4.65 -0.32
C MET A 128 2.91 -4.56 0.84
N LYS A 129 3.87 -5.46 0.85
CA LYS A 129 4.87 -5.45 1.90
C LYS A 129 5.58 -4.09 1.91
N GLY A 130 5.98 -3.60 0.74
CA GLY A 130 6.59 -2.28 0.65
C GLY A 130 5.67 -1.18 1.17
N ASP A 131 4.40 -1.27 0.80
CA ASP A 131 3.46 -0.25 1.18
C ASP A 131 3.27 -0.15 2.71
N TYR A 132 3.13 -1.30 3.35
CA TYR A 132 2.86 -1.27 4.79
C TYR A 132 4.10 -0.91 5.60
N TYR A 133 5.28 -1.26 5.08
CA TYR A 133 6.48 -0.78 5.76
C TYR A 133 6.59 0.74 5.51
N ARG A 134 6.17 1.21 4.33
CA ARG A 134 6.15 2.65 4.05
C ARG A 134 5.24 3.34 5.07
N TYR A 135 4.06 2.79 5.34
CA TYR A 135 3.16 3.44 6.33
C TYR A 135 3.82 3.42 7.70
N LEU A 136 4.50 2.33 8.09
CA LEU A 136 5.26 2.27 9.36
C LEU A 136 6.33 3.35 9.34
N ALA A 137 6.98 3.54 8.18
CA ALA A 137 8.03 4.57 8.09
C ALA A 137 7.51 5.98 8.30
N GLU A 138 6.29 6.26 7.85
CA GLU A 138 5.72 7.60 7.92
C GLU A 138 5.60 8.09 9.36
N VAL A 139 5.43 7.15 10.29
CA VAL A 139 5.28 7.47 11.73
C VAL A 139 6.45 7.14 12.61
N ALA A 140 7.52 6.58 12.00
CA ALA A 140 8.69 6.13 12.71
C ALA A 140 9.60 7.34 12.97
N THR A 141 10.16 7.35 14.19
CA THR A 141 11.02 8.43 14.72
C THR A 141 12.13 7.91 15.61
N GLY A 142 11.94 6.71 16.17
CA GLY A 142 12.96 6.00 16.93
C GLY A 142 14.12 5.58 16.04
N ASP A 143 15.07 4.86 16.64
CA ASP A 143 16.30 4.44 15.94
C ASP A 143 15.98 3.65 14.68
N ASP A 144 14.91 2.84 14.76
CA ASP A 144 14.53 1.91 13.72
C ASP A 144 13.81 2.52 12.51
N LYS A 145 13.73 3.86 12.41
CA LYS A 145 13.22 4.46 11.17
C LYS A 145 14.04 3.91 9.99
N LYS A 146 15.34 3.81 10.15
CA LYS A 146 16.17 3.37 9.04
C LYS A 146 15.90 1.96 8.59
N ARG A 147 15.73 1.07 9.54
CA ARG A 147 15.54 -0.32 9.19
C ARG A 147 14.16 -0.50 8.57
N ILE A 148 13.17 0.24 9.07
CA ILE A 148 11.85 0.17 8.47
C ILE A 148 11.92 0.66 7.02
N ILE A 149 12.59 1.78 6.80
CA ILE A 149 12.75 2.33 5.47
C ILE A 149 13.44 1.29 4.57
N ASP A 150 14.50 0.65 5.09
CA ASP A 150 15.16 -0.36 4.28
C ASP A 150 14.29 -1.58 3.98
N SER A 151 13.43 -1.94 4.93
CA SER A 151 12.51 -3.02 4.73
C SER A 151 11.54 -2.68 3.61
N ALA A 152 11.04 -1.43 3.59
CA ALA A 152 10.15 -1.01 2.50
C ALA A 152 10.87 -1.07 1.17
N ARG A 153 12.06 -0.47 1.15
CA ARG A 153 12.91 -0.41 -0.06
C ARG A 153 13.21 -1.83 -0.59
N SER A 154 13.57 -2.76 0.28
CA SER A 154 13.93 -4.11 -0.12
C SER A 154 12.74 -4.81 -0.79
N ALA A 155 11.56 -4.66 -0.19
CA ALA A 155 10.38 -5.31 -0.72
C ALA A 155 9.98 -4.72 -2.09
N TYR A 156 9.96 -3.40 -2.19
CA TYR A 156 9.66 -2.69 -3.47
C TYR A 156 10.67 -3.11 -4.55
N GLN A 157 11.96 -3.20 -4.17
CA GLN A 157 13.00 -3.58 -5.13
C GLN A 157 12.83 -4.96 -5.68
N GLU A 158 12.55 -5.94 -4.81
CA GLU A 158 12.32 -7.31 -5.24
C GLU A 158 11.10 -7.35 -6.18
N ALA A 159 10.04 -6.64 -5.81
CA ALA A 159 8.86 -6.59 -6.62
C ALA A 159 9.17 -5.99 -8.00
N MET A 160 9.97 -4.92 -7.99
N MET A 160 9.96 -4.92 -8.00
CA MET A 160 10.34 -4.23 -9.22
CA MET A 160 10.31 -4.28 -9.25
C MET A 160 11.13 -5.17 -10.10
C MET A 160 11.11 -5.22 -10.11
N ASP A 161 12.10 -5.87 -9.52
CA ASP A 161 12.94 -6.75 -10.33
C ASP A 161 12.09 -7.81 -11.05
N ILE A 162 11.12 -8.40 -10.33
CA ILE A 162 10.25 -9.41 -10.91
C ILE A 162 9.35 -8.81 -11.98
N SER A 163 8.77 -7.64 -11.71
CA SER A 163 7.80 -7.01 -12.58
C SER A 163 8.46 -6.69 -13.93
N LYS A 164 9.70 -6.25 -13.87
CA LYS A 164 10.42 -5.90 -15.09
C LYS A 164 10.76 -7.12 -15.95
N LYS A 165 11.02 -8.22 -15.31
CA LYS A 165 11.32 -9.41 -16.05
C LYS A 165 10.09 -10.17 -16.52
N GLU A 166 9.00 -10.13 -15.75
CA GLU A 166 7.85 -10.98 -16.04
C GLU A 166 6.54 -10.33 -16.49
N MET A 167 6.47 -9.03 -16.49
CA MET A 167 5.26 -8.32 -16.84
C MET A 167 5.48 -7.25 -17.91
N PRO A 168 4.49 -7.01 -18.77
CA PRO A 168 4.59 -5.93 -19.75
C PRO A 168 4.58 -4.60 -19.02
N PRO A 169 5.16 -3.55 -19.64
CA PRO A 169 5.24 -2.23 -19.02
C PRO A 169 3.88 -1.61 -18.70
N THR A 170 2.80 -2.10 -19.33
CA THR A 170 1.48 -1.56 -19.11
C THR A 170 0.68 -2.33 -18.05
N ASN A 171 1.25 -3.40 -17.52
CA ASN A 171 0.55 -4.23 -16.53
C ASN A 171 0.18 -3.35 -15.35
N PRO A 172 -1.10 -3.32 -14.94
CA PRO A 172 -1.47 -2.40 -13.86
C PRO A 172 -0.76 -2.60 -12.50
N ILE A 173 -0.45 -3.82 -12.15
CA ILE A 173 0.28 -4.07 -10.89
C ILE A 173 1.65 -3.47 -11.03
N ARG A 174 2.29 -3.74 -12.15
CA ARG A 174 3.60 -3.14 -12.39
C ARG A 174 3.54 -1.62 -12.34
N LEU A 175 2.53 -1.05 -12.98
CA LEU A 175 2.37 0.41 -12.92
C LEU A 175 2.14 0.94 -11.51
N GLY A 176 1.25 0.28 -10.79
CA GLY A 176 0.98 0.72 -9.41
C GLY A 176 2.15 0.55 -8.47
N LEU A 177 2.94 -0.50 -8.67
CA LEU A 177 4.16 -0.72 -7.91
C LEU A 177 5.12 0.43 -8.17
N ALA A 178 5.33 0.76 -9.45
CA ALA A 178 6.25 1.84 -9.79
C ALA A 178 5.78 3.18 -9.23
N LEU A 179 4.47 3.45 -9.37
CA LEU A 179 3.87 4.64 -8.77
C LEU A 179 4.24 4.73 -7.27
N ASN A 180 3.99 3.65 -6.52
CA ASN A 180 4.19 3.67 -5.06
C ASN A 180 5.65 3.70 -4.66
N PHE A 181 6.52 3.06 -5.47
CA PHE A 181 7.95 3.07 -5.18
C PHE A 181 8.46 4.49 -5.43
N SER A 182 7.92 5.17 -6.45
N SER A 182 7.94 5.17 -6.46
CA SER A 182 8.30 6.55 -6.74
CA SER A 182 8.33 6.58 -6.71
C SER A 182 7.86 7.49 -5.61
C SER A 182 7.91 7.43 -5.52
N VAL A 183 6.68 7.24 -5.05
CA VAL A 183 6.24 7.97 -3.83
C VAL A 183 7.14 7.70 -2.63
N PHE A 184 7.54 6.44 -2.43
CA PHE A 184 8.48 6.06 -1.38
C PHE A 184 9.75 6.91 -1.56
N HIS A 185 10.30 6.93 -2.78
CA HIS A 185 11.52 7.70 -2.98
C HIS A 185 11.34 9.17 -2.62
N TYR A 186 10.23 9.76 -3.04
CA TYR A 186 10.04 11.19 -2.81
C TYR A 186 9.72 11.54 -1.38
N GLU A 187 8.83 10.78 -0.78
CA GLU A 187 8.35 11.13 0.56
C GLU A 187 9.06 10.51 1.74
N ILE A 188 9.69 9.37 1.54
CA ILE A 188 10.32 8.68 2.61
C ILE A 188 11.83 8.65 2.52
N ALA A 189 12.38 8.36 1.34
CA ALA A 189 13.81 8.21 1.18
C ALA A 189 14.58 9.49 0.85
N ASN A 190 13.90 10.63 0.80
CA ASN A 190 14.52 11.93 0.50
C ASN A 190 15.30 11.83 -0.81
N SER A 191 14.67 11.21 -1.82
CA SER A 191 15.30 10.95 -3.14
C SER A 191 14.35 11.44 -4.24
N PRO A 192 14.03 12.75 -4.29
CA PRO A 192 13.09 13.26 -5.29
C PRO A 192 13.56 13.01 -6.73
N GLU A 193 14.88 13.04 -6.99
CA GLU A 193 15.33 12.80 -8.36
C GLU A 193 15.04 11.38 -8.80
N GLU A 194 15.26 10.42 -7.91
CA GLU A 194 14.96 9.03 -8.19
C GLU A 194 13.47 8.86 -8.40
N ALA A 195 12.66 9.54 -7.58
CA ALA A 195 11.20 9.47 -7.74
C ALA A 195 10.74 9.96 -9.09
N ILE A 196 11.28 11.10 -9.51
CA ILE A 196 10.93 11.68 -10.79
C ILE A 196 11.40 10.76 -11.94
N SER A 197 12.64 10.30 -11.86
N SER A 197 12.64 10.29 -11.86
CA SER A 197 13.20 9.39 -12.88
CA SER A 197 13.20 9.38 -12.88
C SER A 197 12.32 8.16 -13.03
C SER A 197 12.38 8.11 -13.03
N LEU A 198 11.97 7.54 -11.90
CA LEU A 198 11.18 6.34 -11.93
C LEU A 198 9.80 6.59 -12.56
N ALA A 199 9.14 7.68 -12.15
CA ALA A 199 7.82 7.97 -12.66
C ALA A 199 7.87 8.24 -14.18
N LYS A 200 8.87 8.96 -14.63
CA LYS A 200 9.01 9.27 -16.06
C LYS A 200 9.29 8.02 -16.91
N THR A 201 10.27 7.27 -16.52
N THR A 201 10.29 7.26 -16.52
CA THR A 201 10.62 6.08 -17.24
CA THR A 201 10.62 6.06 -17.28
C THR A 201 9.41 5.11 -17.31
C THR A 201 9.42 5.09 -17.32
N THR A 202 8.74 4.97 -16.19
CA THR A 202 7.58 4.10 -16.16
C THR A 202 6.47 4.58 -17.08
N PHE A 203 6.18 5.85 -17.02
CA PHE A 203 5.15 6.44 -17.87
C PHE A 203 5.52 6.24 -19.36
N ASP A 204 6.77 6.55 -19.72
CA ASP A 204 7.20 6.53 -21.12
C ASP A 204 7.19 5.11 -21.71
N GLU A 205 7.60 4.13 -20.92
CA GLU A 205 7.67 2.75 -21.35
C GLU A 205 6.26 2.18 -21.47
N ALA A 206 5.33 2.66 -20.64
CA ALA A 206 3.96 2.22 -20.73
C ALA A 206 3.34 2.82 -22.01
N MET A 207 3.53 4.11 -22.24
CA MET A 207 3.00 4.73 -23.45
C MET A 207 3.38 3.96 -24.69
N ALA A 208 4.62 3.58 -24.78
CA ALA A 208 5.14 2.90 -25.94
C ALA A 208 4.54 1.52 -26.17
N ASP A 209 3.88 0.94 -25.14
CA ASP A 209 3.32 -0.41 -25.21
C ASP A 209 1.78 -0.40 -25.29
N LEU A 210 1.17 0.79 -25.20
CA LEU A 210 -0.28 0.91 -25.27
C LEU A 210 -0.84 0.32 -26.58
N HIS A 211 -0.05 0.35 -27.65
CA HIS A 211 -0.55 -0.07 -28.97
C HIS A 211 -0.95 -1.55 -28.98
N THR A 212 -0.41 -2.32 -28.03
CA THR A 212 -0.66 -3.74 -27.95
C THR A 212 -1.96 -4.10 -27.27
N LEU A 213 -2.63 -3.12 -26.65
CA LEU A 213 -3.75 -3.36 -25.75
C LEU A 213 -5.10 -3.25 -26.41
N SER A 214 -6.04 -4.05 -25.89
CA SER A 214 -7.47 -3.86 -26.09
C SER A 214 -7.99 -2.55 -25.52
N GLU A 215 -9.17 -2.15 -25.94
CA GLU A 215 -9.77 -0.93 -25.43
C GLU A 215 -9.90 -0.88 -23.89
N ASP A 216 -10.25 -1.99 -23.28
CA ASP A 216 -10.39 -2.03 -21.82
C ASP A 216 -9.06 -2.05 -21.07
N SER A 217 -8.08 -2.73 -21.63
CA SER A 217 -6.76 -2.74 -21.02
C SER A 217 -6.17 -1.35 -21.13
N TYR A 218 -6.34 -0.73 -22.29
CA TYR A 218 -5.85 0.62 -22.52
C TYR A 218 -6.43 1.55 -21.47
N LYS A 219 -7.73 1.45 -21.22
CA LYS A 219 -8.35 2.24 -20.16
C LYS A 219 -7.73 1.96 -18.78
N ASP A 220 -7.51 0.67 -18.45
CA ASP A 220 -6.91 0.29 -17.19
C ASP A 220 -5.51 0.86 -17.00
N SER A 221 -4.69 0.74 -18.04
CA SER A 221 -3.30 1.20 -18.00
C SER A 221 -3.19 2.74 -17.96
N THR A 222 -3.96 3.42 -18.81
CA THR A 222 -3.91 4.86 -18.88
C THR A 222 -4.33 5.53 -17.56
N LEU A 223 -5.16 4.85 -16.81
CA LEU A 223 -5.59 5.41 -15.53
C LEU A 223 -4.47 5.58 -14.54
N ILE A 224 -3.66 4.54 -14.43
CA ILE A 224 -2.57 4.58 -13.46
C ILE A 224 -1.48 5.46 -14.02
N MET A 225 -1.35 5.47 -15.35
CA MET A 225 -0.43 6.38 -16.02
C MET A 225 -0.76 7.82 -15.65
N GLN A 226 -2.05 8.14 -15.53
CA GLN A 226 -2.47 9.51 -15.20
C GLN A 226 -1.99 9.89 -13.81
N LEU A 227 -2.02 8.92 -12.87
CA LEU A 227 -1.49 9.16 -11.52
C LEU A 227 0.01 9.44 -11.54
N LEU A 228 0.76 8.71 -12.38
CA LEU A 228 2.19 9.01 -12.59
C LEU A 228 2.38 10.43 -13.12
N ARG A 229 1.57 10.80 -14.10
CA ARG A 229 1.60 12.15 -14.72
C ARG A 229 1.27 13.18 -13.64
N ASP A 230 0.26 12.92 -12.82
CA ASP A 230 -0.13 13.87 -11.79
C ASP A 230 1.02 14.14 -10.84
N ASN A 231 1.74 13.09 -10.44
CA ASN A 231 2.89 13.23 -9.55
C ASN A 231 4.00 14.01 -10.23
N LEU A 232 4.28 13.69 -11.50
CA LEU A 232 5.30 14.41 -12.23
C LEU A 232 4.99 15.90 -12.28
N THR A 233 3.70 16.24 -12.49
CA THR A 233 3.28 17.63 -12.54
C THR A 233 3.45 18.35 -11.19
N LEU A 234 3.21 17.63 -10.09
CA LEU A 234 3.37 18.15 -8.75
C LEU A 234 4.85 18.34 -8.40
N TRP A 235 5.71 17.47 -8.97
CA TRP A 235 7.11 17.39 -8.57
C TRP A 235 8.06 18.21 -9.43
N THR A 236 7.58 18.67 -10.59
CA THR A 236 8.41 19.41 -11.55
C THR A 236 7.76 20.73 -11.95
C ARG B 9 0.25 14.27 -2.46
N PRO B 10 1.27 13.48 -2.80
CA PRO B 10 1.28 12.81 -4.09
C PRO B 10 0.37 11.60 -4.12
N SER B 11 0.10 11.13 -5.30
CA SER B 11 -0.81 10.04 -5.45
C SER B 11 -0.19 8.66 -5.44
N TRP B 13 -1.55 4.20 -5.50
CA TRP B 13 -2.71 3.32 -5.87
C TRP B 13 -3.20 2.27 -4.82
#